data_4FIA
#
_entry.id   4FIA
#
_cell.length_a   121.053
_cell.length_b   121.053
_cell.length_c   142.339
_cell.angle_alpha   90.00
_cell.angle_beta   90.00
_cell.angle_gamma   90.00
#
_symmetry.space_group_name_H-M   'I 41 2 2'
#
loop_
_entity.id
_entity.type
_entity.pdbx_description
1 polymer 'Cholesterol 24-hydroxylase'
2 non-polymer 'PROTOPORPHYRIN IX CONTAINING FE'
3 non-polymer S-bicalutamide
4 non-polymer R-BICALUTAMIDE
5 non-polymer GLYCEROL
6 water water
#
_entity_poly.entity_id   1
_entity_poly.type   'polypeptide(L)'
_entity_poly.pdbx_seq_one_letter_code
;MAKKDEVGGRVLQDVFLDWAKKYGPVVRVNVFHKTSVIVTSPESVKKFLMSTKYNKDSKMYRALQTVFGERLFGQGLVSE
CNYERWHKQRRVIDLAFSRSSLVSLMETFNEKAEQLVEILEAKADGQTPVSMQDMLTYTAMDILAKAAFGMETSMLLGAQ
KPLSQAVKLMLEGITASRNTLAKFLPGKRKQLREVRESIRFLRQVGRDWVQRRREALKRGEEVPADILTQILKAEEGAQD
DEGLLDNFVTFFIAGHETSANHLAFTVMELSRQPEIVARLQAEVDEVIGSKRYLDFEDLGRLQYLSQVLKESLRLYPPAW
GTFRLLEEETLIDGVRVPGNTPLLFSTYVMGRMDTYFEDPLTFNPDRFGPGAPKPRFTYFPFSLGHRSCIGQQFAQMEVK
VVMAKLLQRLEFRLVPGQRFGLQEQATLKPLDPVLCTLRPRGWQPAPPPPPCHHHH
;
_entity_poly.pdbx_strand_id   A
#
loop_
_chem_comp.id
_chem_comp.type
_chem_comp.name
_chem_comp.formula
0U9 non-polymer S-bicalutamide 'C18 H14 F4 N2 O4 S'
198 non-polymer R-BICALUTAMIDE 'C18 H14 F4 N2 O4 S'
GOL non-polymer GLYCEROL 'C3 H8 O3'
HEM non-polymer 'PROTOPORPHYRIN IX CONTAINING FE' 'C34 H32 Fe N4 O4'
#
# COMPACT_ATOMS: atom_id res chain seq x y z
N GLY A 9 9.97 -14.82 12.15
CA GLY A 9 9.22 -13.89 11.24
C GLY A 9 7.72 -13.83 11.47
N ARG A 10 7.33 -13.79 12.74
CA ARG A 10 5.93 -13.52 13.13
C ARG A 10 5.69 -12.03 13.40
N VAL A 11 4.43 -11.62 13.43
CA VAL A 11 4.10 -10.21 13.67
C VAL A 11 3.03 -10.10 14.78
N LEU A 12 2.91 -8.91 15.37
CA LEU A 12 1.82 -8.64 16.33
C LEU A 12 0.43 -9.08 15.83
N GLN A 13 0.18 -8.92 14.53
CA GLN A 13 -1.04 -9.43 13.89
C GLN A 13 -1.26 -10.95 14.04
N ASP A 14 -0.19 -11.72 14.01
CA ASP A 14 -0.30 -13.17 14.28
C ASP A 14 -0.76 -13.50 15.68
N VAL A 15 -0.46 -12.62 16.63
CA VAL A 15 -0.90 -12.82 18.00
C VAL A 15 -2.39 -12.48 18.08
N PHE A 16 -2.77 -11.41 17.40
CA PHE A 16 -4.18 -11.04 17.33
C PHE A 16 -4.96 -12.17 16.67
N LEU A 17 -4.35 -12.84 15.70
CA LEU A 17 -5.01 -13.97 15.03
C LEU A 17 -5.30 -15.11 16.05
N ASP A 18 -4.29 -15.48 16.83
CA ASP A 18 -4.43 -16.50 17.88
C ASP A 18 -5.57 -16.16 18.83
N TRP A 19 -5.63 -14.91 19.25
CA TRP A 19 -6.66 -14.49 20.20
C TRP A 19 -8.03 -14.40 19.59
N ALA A 20 -8.12 -13.96 18.33
CA ALA A 20 -9.41 -13.88 17.67
C ALA A 20 -10.01 -15.29 17.57
N LYS A 21 -9.17 -16.26 17.19
CA LYS A 21 -9.60 -17.63 17.07
C LYS A 21 -10.03 -18.25 18.40
N LYS A 22 -9.30 -17.91 19.46
CA LYS A 22 -9.46 -18.53 20.78
C LYS A 22 -10.51 -17.85 21.64
N TYR A 23 -10.59 -16.52 21.56
CA TYR A 23 -11.47 -15.75 22.45
C TYR A 23 -12.66 -15.10 21.76
N GLY A 24 -12.77 -15.30 20.45
CA GLY A 24 -13.99 -15.00 19.73
C GLY A 24 -13.93 -13.66 19.06
N PRO A 25 -15.09 -13.16 18.63
CA PRO A 25 -15.13 -12.02 17.71
C PRO A 25 -14.96 -10.62 18.34
N VAL A 26 -14.91 -10.56 19.67
CA VAL A 26 -14.70 -9.29 20.35
C VAL A 26 -13.62 -9.46 21.42
N VAL A 27 -12.43 -8.92 21.16
CA VAL A 27 -11.30 -9.13 22.04
C VAL A 27 -10.54 -7.82 22.39
N ARG A 28 -10.50 -7.51 23.68
CA ARG A 28 -9.75 -6.35 24.17
C ARG A 28 -8.24 -6.61 24.07
N VAL A 29 -7.49 -5.62 23.58
CA VAL A 29 -6.05 -5.83 23.36
C VAL A 29 -5.18 -4.67 23.82
N ASN A 30 -3.88 -4.76 23.51
CA ASN A 30 -2.96 -3.61 23.53
C ASN A 30 -2.22 -3.44 22.19
N VAL A 31 -2.44 -2.29 21.56
CA VAL A 31 -1.77 -1.94 20.30
C VAL A 31 -1.27 -0.50 20.44
N PHE A 32 0.01 -0.29 20.14
CA PHE A 32 0.64 1.03 20.31
C PHE A 32 0.67 1.42 21.78
N HIS A 33 0.65 0.41 22.66
CA HIS A 33 0.52 0.62 24.10
C HIS A 33 -0.78 1.40 24.41
N LYS A 34 -1.86 1.01 23.73
CA LYS A 34 -3.18 1.63 23.93
C LYS A 34 -4.27 0.54 23.95
N THR A 35 -5.30 0.75 24.77
CA THR A 35 -6.43 -0.18 24.83
C THR A 35 -7.26 -0.05 23.57
N SER A 36 -7.61 -1.19 22.99
CA SER A 36 -8.57 -1.24 21.91
C SER A 36 -9.30 -2.57 21.93
N VAL A 37 -10.34 -2.69 21.12
CA VAL A 37 -11.08 -3.92 21.01
C VAL A 37 -10.98 -4.40 19.56
N ILE A 38 -10.39 -5.57 19.35
CA ILE A 38 -10.38 -6.16 18.01
C ILE A 38 -11.70 -6.87 17.69
N VAL A 39 -12.29 -6.49 16.57
CA VAL A 39 -13.61 -6.96 16.22
C VAL A 39 -13.52 -7.72 14.89
N THR A 40 -13.82 -9.02 14.90
CA THR A 40 -13.58 -9.88 13.75
C THR A 40 -14.75 -10.67 13.18
N SER A 41 -15.97 -10.24 13.48
CA SER A 41 -17.14 -10.82 12.78
C SER A 41 -17.38 -9.99 11.51
N PRO A 42 -17.81 -10.64 10.43
CA PRO A 42 -18.10 -9.90 9.19
C PRO A 42 -19.23 -8.88 9.40
N GLU A 43 -20.15 -9.21 10.30
CA GLU A 43 -21.32 -8.35 10.58
C GLU A 43 -20.86 -7.05 11.28
N SER A 44 -19.92 -7.17 12.20
CA SER A 44 -19.33 -5.98 12.79
C SER A 44 -18.52 -5.16 11.79
N VAL A 45 -17.85 -5.83 10.85
CA VAL A 45 -17.05 -5.13 9.83
C VAL A 45 -17.99 -4.27 8.97
N LYS A 46 -19.09 -4.87 8.52
CA LYS A 46 -20.08 -4.16 7.73
C LYS A 46 -20.64 -2.95 8.46
N LYS A 47 -21.12 -3.17 9.69
CA LYS A 47 -21.77 -2.11 10.45
C LYS A 47 -20.86 -0.93 10.73
N PHE A 48 -19.61 -1.18 11.05
CA PHE A 48 -18.73 -0.08 11.40
C PHE A 48 -18.01 0.59 10.21
N LEU A 49 -17.57 -0.21 9.24
CA LEU A 49 -16.81 0.33 8.11
C LEU A 49 -17.74 0.95 7.07
N MET A 50 -18.95 0.42 6.96
CA MET A 50 -19.90 0.79 5.88
C MET A 50 -20.77 2.02 6.18
N SER A 51 -20.54 2.61 7.35
CA SER A 51 -21.30 3.78 7.76
C SER A 51 -20.44 4.98 8.10
N THR A 52 -20.78 6.11 7.47
CA THR A 52 -20.16 7.41 7.74
C THR A 52 -20.29 7.86 9.22
N LYS A 53 -21.18 7.21 9.96
CA LYS A 53 -21.35 7.48 11.40
C LYS A 53 -20.09 7.17 12.23
N TYR A 54 -19.28 6.23 11.75
CA TYR A 54 -18.07 5.86 12.47
C TYR A 54 -16.85 6.37 11.78
N ASN A 55 -16.01 7.03 12.55
CA ASN A 55 -14.84 7.65 11.99
C ASN A 55 -13.54 7.18 12.63
N LYS A 56 -12.43 7.47 11.95
CA LYS A 56 -11.11 7.06 12.42
C LYS A 56 -10.83 7.60 13.82
N ASP A 57 -9.96 6.91 14.56
CA ASP A 57 -9.60 7.35 15.92
C ASP A 57 -8.32 8.15 15.89
N SER A 58 -8.43 9.46 16.03
CA SER A 58 -7.26 10.34 16.04
C SER A 58 -6.14 9.79 16.90
N LYS A 59 -6.49 9.19 18.03
CA LYS A 59 -5.51 8.60 18.95
C LYS A 59 -4.59 7.59 18.30
N MET A 60 -5.17 6.72 17.48
CA MET A 60 -4.39 5.65 16.87
C MET A 60 -3.51 6.12 15.71
N TYR A 61 -3.85 7.26 15.14
CA TYR A 61 -3.17 7.79 13.97
C TYR A 61 -2.13 8.84 14.28
N ARG A 62 -2.06 9.23 15.56
CA ARG A 62 -1.09 10.23 15.99
C ARG A 62 0.35 9.84 15.65
N ALA A 63 0.61 8.53 15.55
CA ALA A 63 1.94 8.03 15.17
C ALA A 63 2.29 8.15 13.66
N LEU A 64 1.36 8.67 12.87
CA LEU A 64 1.64 9.00 11.48
C LEU A 64 1.68 10.52 11.32
N GLN A 65 0.77 11.19 12.03
CA GLN A 65 0.67 12.65 12.00
C GLN A 65 1.99 13.34 12.38
N THR A 66 2.66 12.81 13.41
CA THR A 66 3.97 13.30 13.84
C THR A 66 4.81 12.12 14.29
N VAL A 67 6.10 12.15 13.97
CA VAL A 67 7.02 11.11 14.43
C VAL A 67 8.19 11.78 15.14
N PHE A 68 8.55 11.23 16.30
CA PHE A 68 9.62 11.76 17.14
C PHE A 68 9.60 13.28 17.23
N GLY A 69 8.40 13.85 17.31
CA GLY A 69 8.27 15.30 17.36
C GLY A 69 8.76 15.97 16.08
N GLU A 70 8.40 15.38 14.94
CA GLU A 70 8.65 16.00 13.64
C GLU A 70 7.41 15.71 12.78
N ARG A 71 6.80 16.77 12.27
CA ARG A 71 5.53 16.66 11.51
C ARG A 71 5.70 15.84 10.21
N LEU A 72 4.84 14.83 10.03
CA LEU A 72 4.96 13.90 8.89
C LEU A 72 3.74 13.88 7.98
N PHE A 73 2.76 13.05 8.32
CA PHE A 73 1.51 12.98 7.56
C PHE A 73 0.56 14.12 7.96
N GLY A 74 0.80 14.70 9.14
CA GLY A 74 -0.04 15.77 9.67
C GLY A 74 -1.54 15.52 9.67
N GLN A 75 -2.30 16.44 9.10
CA GLN A 75 -3.74 16.25 8.91
C GLN A 75 -4.05 15.98 7.44
N GLY A 76 -3.12 15.33 6.76
CA GLY A 76 -3.32 14.89 5.38
C GLY A 76 -4.45 13.87 5.24
N LEU A 77 -4.60 13.32 4.03
CA LEU A 77 -5.76 12.52 3.68
C LEU A 77 -5.88 11.20 4.48
N VAL A 78 -4.74 10.61 4.87
CA VAL A 78 -4.78 9.37 5.63
C VAL A 78 -5.05 9.65 7.12
N SER A 79 -4.31 10.61 7.66
CA SER A 79 -4.24 10.81 9.09
C SER A 79 -5.31 11.74 9.67
N GLU A 80 -6.10 12.37 8.80
CA GLU A 80 -7.22 13.24 9.23
C GLU A 80 -8.46 12.43 9.62
N CYS A 81 -8.95 12.65 10.84
CA CYS A 81 -10.02 11.82 11.38
C CYS A 81 -11.40 12.46 11.42
N ASN A 82 -11.45 13.77 11.59
CA ASN A 82 -12.72 14.50 11.56
C ASN A 82 -13.40 14.34 10.21
N TYR A 83 -14.66 13.93 10.20
CA TYR A 83 -15.37 13.65 8.94
C TYR A 83 -15.39 14.84 7.99
N GLU A 84 -15.78 16.01 8.50
CA GLU A 84 -15.94 17.19 7.65
C GLU A 84 -14.61 17.67 7.05
N ARG A 85 -13.58 17.78 7.87
CA ARG A 85 -12.26 18.15 7.36
C ARG A 85 -11.76 17.13 6.33
N TRP A 86 -11.95 15.85 6.61
CA TRP A 86 -11.58 14.80 5.68
C TRP A 86 -12.40 14.90 4.39
N HIS A 87 -13.72 15.03 4.54
CA HIS A 87 -14.63 15.01 3.38
C HIS A 87 -14.32 16.14 2.40
N LYS A 88 -13.77 17.23 2.92
CA LYS A 88 -13.42 18.39 2.08
C LYS A 88 -12.19 18.13 1.18
N GLN A 89 -11.15 17.54 1.75
CA GLN A 89 -9.97 17.13 0.96
C GLN A 89 -10.37 16.05 -0.04
N ARG A 90 -11.09 15.03 0.44
CA ARG A 90 -11.46 13.87 -0.38
C ARG A 90 -12.27 14.22 -1.62
N ARG A 91 -13.32 15.02 -1.46
CA ARG A 91 -14.17 15.40 -2.60
C ARG A 91 -13.37 16.01 -3.74
N VAL A 92 -12.38 16.84 -3.39
CA VAL A 92 -11.49 17.48 -4.34
C VAL A 92 -10.46 16.47 -4.90
N ILE A 93 -9.65 15.90 -4.01
CA ILE A 93 -8.60 14.95 -4.42
C ILE A 93 -9.16 13.81 -5.27
N ASP A 94 -10.41 13.44 -5.02
CA ASP A 94 -11.11 12.43 -5.84
C ASP A 94 -11.07 12.65 -7.36
N LEU A 95 -10.95 13.91 -7.78
CA LEU A 95 -10.99 14.24 -9.21
C LEU A 95 -9.79 13.65 -9.94
N ALA A 96 -8.62 13.72 -9.30
CA ALA A 96 -7.39 13.10 -9.82
C ALA A 96 -7.42 11.57 -9.89
N PHE A 97 -8.55 10.97 -9.51
CA PHE A 97 -8.69 9.51 -9.58
C PHE A 97 -9.84 9.02 -10.43
N SER A 98 -10.37 9.91 -11.28
CA SER A 98 -11.44 9.52 -12.22
C SER A 98 -10.93 8.47 -13.19
N ARG A 99 -11.84 7.74 -13.81
CA ARG A 99 -11.47 6.76 -14.82
C ARG A 99 -10.53 7.40 -15.84
N SER A 100 -10.87 8.60 -16.31
CA SER A 100 -10.06 9.27 -17.32
C SER A 100 -8.67 9.69 -16.83
N SER A 101 -8.58 10.12 -15.57
CA SER A 101 -7.28 10.44 -14.98
C SER A 101 -6.41 9.21 -14.97
N LEU A 102 -7.02 8.07 -14.63
CA LEU A 102 -6.30 6.81 -14.49
C LEU A 102 -5.86 6.24 -15.84
N VAL A 103 -6.76 6.28 -16.82
CA VAL A 103 -6.42 5.90 -18.20
C VAL A 103 -5.13 6.62 -18.61
N SER A 104 -5.03 7.89 -18.27
CA SER A 104 -3.91 8.74 -18.67
C SER A 104 -2.58 8.30 -18.05
N LEU A 105 -2.66 7.56 -16.95
CA LEU A 105 -1.49 7.13 -16.19
C LEU A 105 -0.83 5.91 -16.80
N MET A 106 -1.56 5.21 -17.65
CA MET A 106 -1.04 4.00 -18.31
C MET A 106 0.36 4.14 -18.87
N GLU A 107 0.69 5.32 -19.40
CA GLU A 107 2.00 5.54 -19.99
C GLU A 107 3.12 5.50 -18.97
N THR A 108 2.89 6.17 -17.84
CA THR A 108 3.84 6.15 -16.74
C THR A 108 4.00 4.71 -16.27
N PHE A 109 2.87 4.01 -16.12
CA PHE A 109 2.88 2.60 -15.68
C PHE A 109 3.72 1.74 -16.62
N ASN A 110 3.49 1.88 -17.93
CA ASN A 110 4.24 1.07 -18.90
C ASN A 110 5.72 1.46 -18.88
N GLU A 111 5.99 2.75 -18.79
CA GLU A 111 7.35 3.25 -18.91
C GLU A 111 8.25 2.73 -17.81
N LYS A 112 7.78 2.86 -16.57
CA LYS A 112 8.53 2.33 -15.42
C LYS A 112 8.62 0.82 -15.35
N ALA A 113 7.54 0.12 -15.67
CA ALA A 113 7.57 -1.35 -15.69
C ALA A 113 8.60 -1.84 -16.70
N GLU A 114 8.60 -1.20 -17.88
CA GLU A 114 9.53 -1.58 -18.95
C GLU A 114 10.97 -1.36 -18.53
N GLN A 115 11.20 -0.20 -17.93
CA GLN A 115 12.53 0.14 -17.51
C GLN A 115 12.98 -0.90 -16.47
N LEU A 116 12.08 -1.25 -15.54
CA LEU A 116 12.37 -2.30 -14.54
C LEU A 116 12.80 -3.62 -15.17
N VAL A 117 12.01 -4.07 -16.13
CA VAL A 117 12.24 -5.34 -16.76
C VAL A 117 13.58 -5.33 -17.53
N GLU A 118 13.85 -4.22 -18.21
CA GLU A 118 15.13 -4.05 -18.92
C GLU A 118 16.32 -4.15 -17.95
N ILE A 119 16.22 -3.44 -16.82
CA ILE A 119 17.26 -3.52 -15.78
C ILE A 119 17.46 -4.95 -15.32
N LEU A 120 16.36 -5.63 -15.02
CA LEU A 120 16.43 -7.05 -14.60
C LEU A 120 16.96 -8.00 -15.67
N GLU A 121 16.56 -7.79 -16.92
CA GLU A 121 17.00 -8.65 -18.04
C GLU A 121 18.51 -8.61 -18.19
N ALA A 122 19.09 -7.46 -17.87
CA ALA A 122 20.53 -7.26 -17.89
C ALA A 122 21.26 -8.08 -16.81
N LYS A 123 20.53 -8.47 -15.76
CA LYS A 123 21.12 -9.23 -14.65
C LYS A 123 20.68 -10.68 -14.69
N ALA A 124 19.88 -11.03 -15.69
CA ALA A 124 19.25 -12.34 -15.78
C ALA A 124 20.21 -13.40 -16.31
N ASP A 125 21.28 -13.65 -15.55
CA ASP A 125 22.28 -14.63 -15.94
C ASP A 125 22.21 -15.86 -15.05
N GLY A 126 21.35 -15.81 -14.04
CA GLY A 126 21.13 -16.92 -13.13
C GLY A 126 22.10 -16.96 -11.96
N GLN A 127 22.87 -15.89 -11.79
CA GLN A 127 23.90 -15.88 -10.76
C GLN A 127 23.93 -14.61 -9.95
N THR A 128 23.52 -13.50 -10.54
CA THR A 128 23.45 -12.22 -9.85
C THR A 128 22.20 -12.21 -8.95
N PRO A 129 22.40 -12.26 -7.62
CA PRO A 129 21.30 -11.99 -6.67
C PRO A 129 20.76 -10.57 -6.82
N VAL A 130 19.43 -10.46 -6.92
CA VAL A 130 18.78 -9.16 -7.00
C VAL A 130 17.74 -9.09 -5.89
N SER A 131 17.78 -8.02 -5.11
CA SER A 131 16.72 -7.77 -4.14
C SER A 131 15.48 -7.29 -4.85
N MET A 132 14.50 -8.17 -4.95
CA MET A 132 13.24 -7.82 -5.58
C MET A 132 12.48 -6.83 -4.74
N GLN A 133 12.62 -6.91 -3.42
CA GLN A 133 12.03 -5.87 -2.56
C GLN A 133 12.51 -4.42 -2.90
N ASP A 134 13.81 -4.27 -3.15
CA ASP A 134 14.37 -2.97 -3.43
C ASP A 134 13.94 -2.49 -4.83
N MET A 135 14.00 -3.40 -5.79
CA MET A 135 13.73 -3.03 -7.17
C MET A 135 12.27 -2.63 -7.28
N LEU A 136 11.39 -3.32 -6.57
CA LEU A 136 9.94 -3.06 -6.66
C LEU A 136 9.61 -1.76 -5.99
N THR A 137 10.32 -1.49 -4.89
CA THR A 137 10.20 -0.24 -4.21
C THR A 137 10.64 0.95 -5.09
N TYR A 138 11.76 0.80 -5.78
CA TYR A 138 12.22 1.85 -6.71
C TYR A 138 11.21 2.08 -7.81
N THR A 139 10.70 1.00 -8.40
CA THR A 139 9.67 1.13 -9.46
C THR A 139 8.48 1.92 -8.92
N ALA A 140 7.96 1.49 -7.77
CA ALA A 140 6.70 2.05 -7.26
C ALA A 140 6.94 3.50 -6.92
N MET A 141 8.14 3.82 -6.43
CA MET A 141 8.46 5.19 -6.10
C MET A 141 8.53 6.04 -7.40
N ASP A 142 9.30 5.56 -8.37
CA ASP A 142 9.38 6.26 -9.70
C ASP A 142 8.01 6.47 -10.35
N ILE A 143 7.15 5.45 -10.26
CA ILE A 143 5.77 5.57 -10.78
C ILE A 143 5.02 6.65 -10.04
N LEU A 144 5.05 6.60 -8.71
CA LEU A 144 4.32 7.56 -7.93
C LEU A 144 4.83 8.98 -8.19
N ALA A 145 6.15 9.18 -8.11
CA ALA A 145 6.74 10.51 -8.31
C ALA A 145 6.28 11.15 -9.62
N LYS A 146 6.32 10.37 -10.69
CA LYS A 146 5.91 10.85 -12.01
C LYS A 146 4.41 11.06 -12.08
N ALA A 147 3.65 10.00 -11.79
CA ALA A 147 2.20 10.05 -11.89
C ALA A 147 1.56 11.10 -11.01
N ALA A 148 2.08 11.29 -9.80
CA ALA A 148 1.41 12.18 -8.84
C ALA A 148 1.89 13.63 -8.94
N PHE A 149 3.20 13.83 -8.94
CA PHE A 149 3.78 15.15 -8.84
C PHE A 149 4.51 15.58 -10.12
N GLY A 150 4.44 14.75 -11.15
CA GLY A 150 5.11 15.03 -12.43
C GLY A 150 6.62 15.08 -12.38
N MET A 151 7.23 14.40 -11.40
CA MET A 151 8.69 14.43 -11.27
C MET A 151 9.31 13.06 -11.56
N GLU A 152 10.53 13.07 -12.11
CA GLU A 152 11.27 11.86 -12.36
C GLU A 152 12.31 11.67 -11.26
N THR A 153 12.20 10.58 -10.51
CA THR A 153 13.17 10.29 -9.46
C THR A 153 14.28 9.39 -9.97
N SER A 154 13.96 8.58 -10.98
CA SER A 154 14.91 7.64 -11.58
C SER A 154 15.74 6.89 -10.55
N MET A 155 15.06 6.37 -9.53
CA MET A 155 15.71 5.52 -8.56
C MET A 155 16.08 4.21 -9.22
N LEU A 156 15.23 3.72 -10.13
CA LEU A 156 15.59 2.53 -10.93
C LEU A 156 16.95 2.64 -11.59
N LEU A 157 17.31 3.86 -11.98
CA LEU A 157 18.62 4.11 -12.63
C LEU A 157 19.68 4.69 -11.68
N GLY A 158 19.55 4.40 -10.39
CA GLY A 158 20.60 4.72 -9.42
C GLY A 158 20.59 6.12 -8.84
N ALA A 159 19.64 6.94 -9.28
CA ALA A 159 19.53 8.32 -8.79
C ALA A 159 18.79 8.47 -7.46
N GLN A 160 18.93 9.66 -6.85
CA GLN A 160 18.20 10.03 -5.64
C GLN A 160 18.41 9.07 -4.47
N LYS A 161 19.63 8.56 -4.36
CA LYS A 161 20.00 7.69 -3.23
C LYS A 161 19.70 8.28 -1.83
N PRO A 162 19.94 9.59 -1.63
CA PRO A 162 19.60 10.26 -0.39
C PRO A 162 18.09 10.24 -0.08
N LEU A 163 17.27 10.42 -1.11
CA LEU A 163 15.81 10.42 -0.93
C LEU A 163 15.31 9.02 -0.55
N SER A 164 15.79 7.99 -1.24
CA SER A 164 15.38 6.63 -0.94
C SER A 164 15.88 6.26 0.47
N GLN A 165 17.12 6.64 0.80
CA GLN A 165 17.64 6.50 2.16
C GLN A 165 16.78 7.22 3.22
N ALA A 166 16.27 8.41 2.89
CA ALA A 166 15.38 9.16 3.78
C ALA A 166 14.01 8.48 4.05
N VAL A 167 13.41 7.94 3.00
CA VAL A 167 12.17 7.15 3.14
C VAL A 167 12.44 5.95 4.04
N LYS A 168 13.56 5.27 3.78
CA LYS A 168 13.92 4.07 4.54
C LYS A 168 14.00 4.33 6.05
N LEU A 169 14.78 5.33 6.45
CA LEU A 169 14.97 5.65 7.85
C LEU A 169 13.67 6.09 8.50
N MET A 170 12.97 6.99 7.83
CA MET A 170 11.66 7.46 8.27
C MET A 170 10.73 6.28 8.59
N LEU A 171 10.73 5.26 7.72
CA LEU A 171 9.90 4.08 7.90
C LEU A 171 10.28 3.31 9.16
N GLU A 172 11.58 3.14 9.37
CA GLU A 172 12.10 2.54 10.59
C GLU A 172 11.81 3.40 11.82
N GLY A 173 11.74 4.71 11.60
CA GLY A 173 11.37 5.64 12.66
C GLY A 173 9.95 5.42 13.12
N ILE A 174 9.03 5.27 12.16
CA ILE A 174 7.65 4.96 12.48
C ILE A 174 7.59 3.62 13.20
N THR A 175 8.47 2.70 12.82
CA THR A 175 8.57 1.37 13.45
C THR A 175 8.99 1.42 14.93
N ALA A 176 10.02 2.21 15.23
CA ALA A 176 10.56 2.27 16.58
C ALA A 176 9.69 3.10 17.51
N SER A 177 9.06 4.14 16.95
CA SER A 177 8.33 5.14 17.74
C SER A 177 7.08 4.62 18.45
N ARG A 178 6.36 3.70 17.82
CA ARG A 178 5.08 3.22 18.36
C ARG A 178 5.17 1.87 19.07
N ASN A 179 6.27 1.15 18.85
CA ASN A 179 6.39 -0.23 19.33
C ASN A 179 7.46 -0.50 20.40
N THR A 180 8.68 -0.04 20.14
CA THR A 180 9.83 -0.39 21.00
C THR A 180 10.12 0.64 22.10
N LYS A 188 20.36 3.86 19.87
CA LYS A 188 19.12 4.64 19.60
C LYS A 188 19.41 6.14 19.46
N ARG A 189 20.67 6.52 19.64
CA ARG A 189 21.07 7.93 19.68
C ARG A 189 21.06 8.58 18.29
N LYS A 190 21.68 7.91 17.32
CA LYS A 190 21.70 8.38 15.95
C LYS A 190 20.31 8.29 15.32
N GLN A 191 19.60 7.18 15.55
CA GLN A 191 18.29 6.95 14.94
C GLN A 191 17.36 8.13 15.12
N LEU A 192 17.32 8.68 16.33
CA LEU A 192 16.50 9.86 16.61
C LEU A 192 16.86 11.04 15.71
N ARG A 193 18.15 11.28 15.54
CA ARG A 193 18.63 12.36 14.69
C ARG A 193 18.37 12.10 13.21
N GLU A 194 18.81 10.92 12.74
CA GLU A 194 18.55 10.46 11.36
C GLU A 194 17.09 10.62 10.95
N VAL A 195 16.19 10.10 11.77
CA VAL A 195 14.76 10.11 11.48
C VAL A 195 14.19 11.53 11.37
N ARG A 196 14.60 12.39 12.30
CA ARG A 196 14.18 13.79 12.28
C ARG A 196 14.70 14.47 11.02
N GLU A 197 15.94 14.15 10.66
CA GLU A 197 16.55 14.71 9.47
C GLU A 197 15.82 14.21 8.22
N SER A 198 15.54 12.91 8.20
CA SER A 198 14.85 12.28 7.08
C SER A 198 13.46 12.89 6.86
N ILE A 199 12.69 13.08 7.93
CA ILE A 199 11.37 13.70 7.83
C ILE A 199 11.43 15.17 7.34
N ARG A 200 12.48 15.88 7.75
CA ARG A 200 12.69 17.25 7.27
C ARG A 200 13.14 17.30 5.81
N PHE A 201 13.97 16.33 5.41
CA PHE A 201 14.38 16.18 4.01
C PHE A 201 13.18 15.90 3.09
N LEU A 202 12.32 14.96 3.49
CA LEU A 202 11.11 14.63 2.72
C LEU A 202 10.21 15.85 2.53
N ARG A 203 9.97 16.58 3.63
CA ARG A 203 9.13 17.79 3.58
C ARG A 203 9.76 18.89 2.72
N GLN A 204 11.09 18.89 2.65
CA GLN A 204 11.82 19.87 1.84
C GLN A 204 11.71 19.48 0.37
N VAL A 205 11.94 18.21 0.07
CA VAL A 205 11.71 17.66 -1.27
C VAL A 205 10.36 18.12 -1.79
N GLY A 206 9.33 18.03 -0.94
CA GLY A 206 7.98 18.45 -1.29
C GLY A 206 7.86 19.94 -1.50
N ARG A 207 8.58 20.71 -0.67
CA ARG A 207 8.65 22.14 -0.82
C ARG A 207 9.11 22.45 -2.24
N ASP A 208 10.27 21.89 -2.60
CA ASP A 208 10.88 22.08 -3.92
C ASP A 208 10.02 21.68 -5.12
N TRP A 209 9.30 20.56 -5.00
CA TRP A 209 8.45 20.08 -6.09
C TRP A 209 7.16 20.90 -6.20
N VAL A 210 6.72 21.45 -5.08
CA VAL A 210 5.59 22.37 -5.10
C VAL A 210 6.04 23.68 -5.77
N GLN A 211 7.24 24.14 -5.41
CA GLN A 211 7.84 25.34 -6.02
C GLN A 211 8.02 25.16 -7.52
N ARG A 212 8.65 24.05 -7.92
CA ARG A 212 8.89 23.75 -9.33
C ARG A 212 7.59 23.70 -10.14
N ARG A 213 6.50 23.28 -9.49
CA ARG A 213 5.19 23.28 -10.13
C ARG A 213 4.62 24.71 -10.20
N ARG A 214 4.81 25.47 -9.12
CA ARG A 214 4.34 26.86 -9.06
C ARG A 214 5.04 27.75 -10.07
N GLU A 215 6.35 27.56 -10.23
CA GLU A 215 7.14 28.37 -11.17
C GLU A 215 6.85 28.04 -12.64
N ALA A 216 6.49 26.80 -12.92
CA ALA A 216 6.09 26.40 -14.27
C ALA A 216 4.73 27.05 -14.55
N LEU A 217 3.85 27.01 -13.56
CA LEU A 217 2.55 27.66 -13.66
C LEU A 217 2.65 29.18 -13.77
N LYS A 218 3.58 29.78 -13.02
CA LYS A 218 3.84 31.23 -13.07
C LYS A 218 4.27 31.69 -14.47
N ARG A 219 5.03 30.83 -15.16
CA ARG A 219 5.46 31.13 -16.53
C ARG A 219 4.43 30.62 -17.55
N GLY A 220 3.18 30.50 -17.10
CA GLY A 220 2.06 30.14 -17.99
C GLY A 220 2.15 28.80 -18.70
N GLU A 221 2.99 27.91 -18.18
CA GLU A 221 3.14 26.57 -18.75
C GLU A 221 1.87 25.73 -18.48
N GLU A 222 1.62 24.75 -19.35
CA GLU A 222 0.44 23.89 -19.21
C GLU A 222 0.72 22.67 -18.34
N VAL A 223 -0.15 22.42 -17.35
CA VAL A 223 0.01 21.28 -16.43
C VAL A 223 -1.18 20.31 -16.50
N PRO A 224 -0.95 19.10 -17.04
CA PRO A 224 -1.96 18.05 -16.99
C PRO A 224 -2.40 17.85 -15.55
N ALA A 225 -3.71 17.81 -15.34
CA ALA A 225 -4.26 17.57 -14.01
C ALA A 225 -3.73 16.26 -13.43
N ASP A 226 -3.22 16.33 -12.20
CA ASP A 226 -2.79 15.12 -11.50
C ASP A 226 -3.15 15.21 -10.01
N ILE A 227 -2.42 14.49 -9.16
CA ILE A 227 -2.64 14.51 -7.72
C ILE A 227 -2.17 15.84 -7.11
N LEU A 228 -0.96 16.26 -7.49
CA LEU A 228 -0.42 17.56 -7.09
C LEU A 228 -1.42 18.68 -7.37
N THR A 229 -2.10 18.59 -8.51
CA THR A 229 -3.05 19.64 -8.91
C THR A 229 -4.14 19.73 -7.87
N GLN A 230 -4.68 18.59 -7.47
CA GLN A 230 -5.79 18.55 -6.53
C GLN A 230 -5.39 18.80 -5.07
N ILE A 231 -4.16 18.43 -4.71
CA ILE A 231 -3.70 18.72 -3.34
C ILE A 231 -3.53 20.24 -3.15
N LEU A 232 -2.81 20.88 -4.07
CA LEU A 232 -2.74 22.36 -4.12
C LEU A 232 -4.14 22.97 -4.04
N LYS A 233 -5.02 22.53 -4.93
CA LYS A 233 -6.40 23.04 -5.01
C LYS A 233 -7.17 22.95 -3.70
N ALA A 234 -6.93 21.86 -2.96
CA ALA A 234 -7.55 21.69 -1.64
C ALA A 234 -6.91 22.59 -0.57
N GLU A 235 -5.71 23.08 -0.85
CA GLU A 235 -5.00 23.99 0.07
C GLU A 235 -5.27 25.45 -0.24
N GLU A 236 -6.32 25.69 -1.02
CA GLU A 236 -6.61 27.01 -1.57
C GLU A 236 -7.26 27.91 -0.50
N GLY A 237 -6.47 28.84 0.03
CA GLY A 237 -6.93 29.74 1.09
C GLY A 237 -6.29 29.50 2.45
N ALA A 238 -5.12 28.86 2.44
CA ALA A 238 -4.36 28.62 3.67
C ALA A 238 -3.16 29.57 3.76
N GLN A 239 -2.88 30.08 4.95
CA GLN A 239 -1.80 31.07 5.14
C GLN A 239 -0.40 30.51 4.92
N ASP A 240 -0.21 29.26 5.32
CA ASP A 240 1.02 28.54 5.04
C ASP A 240 0.65 27.29 4.26
N ASP A 241 1.65 26.59 3.74
CA ASP A 241 1.41 25.40 2.94
C ASP A 241 1.74 24.09 3.68
N GLU A 242 1.63 24.14 5.01
CA GLU A 242 1.94 22.98 5.83
C GLU A 242 0.93 21.84 5.63
N GLY A 243 -0.32 22.20 5.33
CA GLY A 243 -1.33 21.22 4.96
C GLY A 243 -0.95 20.56 3.66
N LEU A 244 -0.40 21.36 2.74
CA LEU A 244 0.05 20.87 1.45
C LEU A 244 1.18 19.85 1.56
N LEU A 245 2.21 20.20 2.34
CA LEU A 245 3.33 19.28 2.58
C LEU A 245 2.92 18.00 3.32
N ASP A 246 1.86 18.10 4.14
CA ASP A 246 1.27 16.95 4.80
C ASP A 246 0.75 16.01 3.73
N ASN A 247 -0.15 16.54 2.88
CA ASN A 247 -0.65 15.79 1.73
C ASN A 247 0.42 15.36 0.73
N PHE A 248 1.48 16.15 0.57
CA PHE A 248 2.62 15.73 -0.24
C PHE A 248 3.27 14.45 0.31
N VAL A 249 3.61 14.48 1.60
CA VAL A 249 4.28 13.34 2.24
C VAL A 249 3.32 12.13 2.33
N THR A 250 2.05 12.41 2.57
CA THR A 250 1.01 11.36 2.59
C THR A 250 1.04 10.55 1.31
N PHE A 251 0.92 11.23 0.17
CA PHE A 251 0.83 10.55 -1.12
C PHE A 251 2.15 9.95 -1.52
N PHE A 252 3.24 10.65 -1.23
CA PHE A 252 4.55 10.17 -1.55
C PHE A 252 4.78 8.81 -0.91
N ILE A 253 4.35 8.66 0.34
CA ILE A 253 4.52 7.41 1.08
C ILE A 253 3.42 6.38 0.78
N ALA A 254 2.18 6.75 1.05
CA ALA A 254 1.04 5.87 0.85
C ALA A 254 0.82 5.47 -0.61
N GLY A 255 1.36 6.27 -1.53
CA GLY A 255 1.15 6.03 -2.97
C GLY A 255 2.21 5.15 -3.57
N HIS A 256 3.19 4.74 -2.77
CA HIS A 256 4.21 3.80 -3.28
C HIS A 256 4.56 2.61 -2.35
N GLU A 257 4.44 2.80 -1.03
CA GLU A 257 5.00 1.78 -0.10
C GLU A 257 4.18 0.48 -0.08
N THR A 258 2.88 0.62 0.07
CA THR A 258 1.98 -0.53 0.06
C THR A 258 2.03 -1.26 -1.28
N SER A 259 2.12 -0.49 -2.39
CA SER A 259 2.18 -1.12 -3.73
C SER A 259 3.43 -1.94 -3.83
N ALA A 260 4.55 -1.39 -3.40
CA ALA A 260 5.81 -2.10 -3.46
C ALA A 260 5.81 -3.36 -2.57
N ASN A 261 5.20 -3.24 -1.40
CA ASN A 261 5.15 -4.37 -0.44
C ASN A 261 4.27 -5.44 -1.09
N HIS A 262 3.13 -5.02 -1.63
CA HIS A 262 2.21 -5.95 -2.30
C HIS A 262 2.91 -6.65 -3.45
N LEU A 263 3.63 -5.90 -4.28
CA LEU A 263 4.38 -6.55 -5.35
C LEU A 263 5.44 -7.51 -4.80
N ALA A 264 6.17 -7.08 -3.78
CA ALA A 264 7.24 -7.91 -3.18
C ALA A 264 6.69 -9.24 -2.63
N PHE A 265 5.58 -9.18 -1.89
CA PHE A 265 4.93 -10.40 -1.40
C PHE A 265 4.51 -11.34 -2.55
N THR A 266 3.99 -10.75 -3.63
CA THR A 266 3.50 -11.54 -4.76
C THR A 266 4.65 -12.28 -5.46
N VAL A 267 5.70 -11.53 -5.79
CA VAL A 267 6.91 -12.15 -6.34
C VAL A 267 7.49 -13.24 -5.38
N MET A 268 7.61 -12.90 -4.11
CA MET A 268 8.11 -13.85 -3.11
C MET A 268 7.29 -15.17 -3.13
N GLU A 269 5.98 -15.03 -2.99
CA GLU A 269 5.11 -16.21 -2.96
C GLU A 269 5.17 -17.03 -4.25
N LEU A 270 5.11 -16.35 -5.39
CA LEU A 270 5.15 -17.01 -6.70
C LEU A 270 6.38 -17.83 -7.00
N SER A 271 7.51 -17.47 -6.38
CA SER A 271 8.75 -18.24 -6.50
C SER A 271 8.61 -19.68 -6.02
N ARG A 272 7.66 -19.92 -5.12
CA ARG A 272 7.39 -21.30 -4.68
C ARG A 272 6.04 -21.83 -5.19
N GLN A 273 5.56 -21.27 -6.31
CA GLN A 273 4.27 -21.68 -6.89
C GLN A 273 4.37 -21.89 -8.40
N PRO A 274 5.17 -22.86 -8.85
CA PRO A 274 5.45 -23.02 -10.28
C PRO A 274 4.21 -23.26 -11.16
N GLU A 275 3.27 -24.05 -10.69
CA GLU A 275 2.04 -24.30 -11.45
C GLU A 275 1.24 -23.04 -11.68
N ILE A 276 1.15 -22.20 -10.65
CA ILE A 276 0.46 -20.91 -10.81
C ILE A 276 1.23 -20.01 -11.75
N VAL A 277 2.55 -20.04 -11.66
CA VAL A 277 3.35 -19.22 -12.57
C VAL A 277 3.10 -19.67 -14.01
N ALA A 278 3.09 -20.98 -14.22
CA ALA A 278 2.81 -21.55 -15.56
C ALA A 278 1.51 -21.03 -16.12
N ARG A 279 0.44 -21.05 -15.32
CA ARG A 279 -0.86 -20.52 -15.79
C ARG A 279 -0.81 -19.02 -15.98
N LEU A 280 -0.10 -18.33 -15.09
CA LEU A 280 0.07 -16.90 -15.25
C LEU A 280 0.78 -16.65 -16.58
N GLN A 281 1.87 -17.38 -16.82
CA GLN A 281 2.62 -17.24 -18.09
C GLN A 281 1.73 -17.51 -19.30
N ALA A 282 1.03 -18.64 -19.27
CA ALA A 282 0.09 -18.99 -20.34
C ALA A 282 -0.87 -17.82 -20.60
N GLU A 283 -1.39 -17.21 -19.53
CA GLU A 283 -2.31 -16.08 -19.65
C GLU A 283 -1.76 -14.76 -20.24
N VAL A 284 -0.56 -14.35 -19.83
CA VAL A 284 0.02 -13.14 -20.42
C VAL A 284 0.17 -13.34 -21.95
N ASP A 285 0.66 -14.51 -22.34
CA ASP A 285 0.79 -14.89 -23.77
C ASP A 285 -0.51 -14.70 -24.56
N GLU A 286 -1.58 -15.33 -24.10
CA GLU A 286 -2.88 -15.25 -24.79
C GLU A 286 -3.39 -13.84 -24.93
N VAL A 287 -3.37 -13.06 -23.86
CA VAL A 287 -3.96 -11.70 -23.89
C VAL A 287 -3.08 -10.54 -24.36
N ILE A 288 -1.79 -10.58 -24.05
CA ILE A 288 -0.91 -9.51 -24.53
C ILE A 288 0.17 -9.96 -25.51
N GLY A 289 0.44 -11.26 -25.57
CA GLY A 289 1.49 -11.81 -26.42
C GLY A 289 2.88 -11.36 -26.01
N SER A 290 3.66 -10.92 -26.99
CA SER A 290 4.95 -10.32 -26.73
C SER A 290 4.85 -8.80 -26.91
N LYS A 291 3.63 -8.29 -26.91
CA LYS A 291 3.40 -6.84 -27.02
C LYS A 291 4.17 -6.10 -25.92
N ARG A 292 4.61 -4.89 -26.23
CA ARG A 292 5.53 -4.16 -25.39
C ARG A 292 4.78 -3.24 -24.44
N TYR A 293 3.70 -2.65 -24.94
CA TYR A 293 2.91 -1.68 -24.20
C TYR A 293 1.53 -2.29 -23.87
N LEU A 294 1.14 -2.23 -22.60
CA LEU A 294 -0.18 -2.70 -22.19
C LEU A 294 -1.18 -1.56 -22.29
N ASP A 295 -2.30 -1.82 -22.95
CA ASP A 295 -3.38 -0.83 -23.07
C ASP A 295 -4.29 -0.97 -21.85
N PHE A 296 -5.06 0.07 -21.55
CA PHE A 296 -6.02 0.00 -20.45
C PHE A 296 -6.89 -1.26 -20.53
N GLU A 297 -7.49 -1.51 -21.68
CA GLU A 297 -8.41 -2.66 -21.84
C GLU A 297 -7.72 -4.01 -21.70
N ASP A 298 -6.40 -4.02 -21.85
CA ASP A 298 -5.63 -5.24 -21.62
C ASP A 298 -5.76 -5.68 -20.15
N LEU A 299 -5.75 -4.71 -19.23
CA LEU A 299 -5.78 -4.99 -17.78
C LEU A 299 -6.94 -5.86 -17.36
N GLY A 300 -8.15 -5.48 -17.78
CA GLY A 300 -9.36 -6.21 -17.42
C GLY A 300 -9.36 -7.68 -17.82
N ARG A 301 -8.63 -8.00 -18.87
CA ARG A 301 -8.58 -9.38 -19.39
C ARG A 301 -7.56 -10.27 -18.72
N LEU A 302 -6.68 -9.70 -17.90
CA LEU A 302 -5.73 -10.52 -17.17
C LEU A 302 -6.47 -10.95 -15.90
N GLN A 303 -7.39 -11.89 -16.06
CA GLN A 303 -8.36 -12.21 -14.98
C GLN A 303 -7.68 -13.10 -13.97
N TYR A 304 -6.87 -14.05 -14.44
CA TYR A 304 -6.18 -14.97 -13.52
C TYR A 304 -5.08 -14.25 -12.71
N LEU A 305 -4.42 -13.29 -13.35
CA LEU A 305 -3.43 -12.47 -12.66
C LEU A 305 -4.16 -11.69 -11.57
N SER A 306 -5.33 -11.14 -11.92
CA SER A 306 -6.20 -10.53 -10.94
C SER A 306 -6.53 -11.38 -9.70
N GLN A 307 -6.79 -12.68 -9.89
CA GLN A 307 -7.09 -13.57 -8.81
C GLN A 307 -5.86 -13.83 -7.93
N VAL A 308 -4.69 -13.90 -8.56
CA VAL A 308 -3.43 -14.17 -7.86
C VAL A 308 -3.09 -12.98 -6.94
N LEU A 309 -3.32 -11.77 -7.44
CA LEU A 309 -3.08 -10.55 -6.69
C LEU A 309 -4.07 -10.44 -5.55
N LYS A 310 -5.34 -10.74 -5.82
CA LYS A 310 -6.35 -10.78 -4.76
C LYS A 310 -5.95 -11.77 -3.65
N GLU A 311 -5.54 -12.96 -4.06
CA GLU A 311 -5.13 -14.01 -3.10
C GLU A 311 -3.87 -13.55 -2.35
N SER A 312 -2.98 -12.84 -3.03
CA SER A 312 -1.80 -12.27 -2.35
C SER A 312 -2.20 -11.27 -1.25
N LEU A 313 -3.19 -10.43 -1.54
CA LEU A 313 -3.65 -9.47 -0.56
C LEU A 313 -4.37 -10.12 0.63
N ARG A 314 -4.93 -11.30 0.44
CA ARG A 314 -5.67 -12.00 1.50
C ARG A 314 -4.68 -12.46 2.58
N LEU A 315 -3.63 -13.16 2.15
CA LEU A 315 -2.56 -13.67 3.05
C LEU A 315 -1.53 -12.61 3.44
N TYR A 316 -1.26 -11.69 2.53
CA TYR A 316 -0.27 -10.66 2.76
C TYR A 316 -0.70 -9.22 2.51
N PRO A 317 -1.64 -8.69 3.31
CA PRO A 317 -2.06 -7.30 3.17
C PRO A 317 -1.04 -6.35 3.78
N PRO A 318 -0.47 -5.45 2.98
CA PRO A 318 0.52 -4.50 3.46
C PRO A 318 -0.07 -3.66 4.59
N ALA A 319 -1.33 -3.22 4.39
CA ALA A 319 -2.04 -2.46 5.41
C ALA A 319 -3.03 -3.41 6.01
N TRP A 320 -2.72 -3.88 7.22
CA TRP A 320 -3.46 -4.97 7.81
C TRP A 320 -4.86 -4.62 8.27
N GLY A 321 -5.15 -3.36 8.44
CA GLY A 321 -6.53 -3.02 8.82
C GLY A 321 -6.67 -1.56 9.14
N THR A 322 -7.58 -1.25 10.05
CA THR A 322 -7.93 0.13 10.31
C THR A 322 -8.59 0.24 11.69
N PHE A 323 -8.69 1.47 12.19
CA PHE A 323 -9.34 1.79 13.48
C PHE A 323 -10.55 2.71 13.30
N ARG A 324 -11.62 2.43 14.03
CA ARG A 324 -12.74 3.37 14.18
C ARG A 324 -12.95 3.70 15.69
N LEU A 325 -13.39 4.92 15.98
CA LEU A 325 -13.77 5.30 17.34
C LEU A 325 -15.21 4.91 17.60
N LEU A 326 -15.41 4.07 18.60
CA LEU A 326 -16.78 3.78 19.04
C LEU A 326 -17.12 4.84 20.09
N GLU A 327 -18.06 5.72 19.76
CA GLU A 327 -18.38 6.87 20.65
C GLU A 327 -19.31 6.52 21.81
N GLU A 328 -20.25 5.63 21.57
CA GLU A 328 -21.24 5.26 22.58
C GLU A 328 -21.17 3.78 22.88
N GLU A 329 -21.25 3.43 24.17
CA GLU A 329 -21.31 2.03 24.59
C GLU A 329 -22.28 1.34 23.67
N THR A 330 -21.86 0.19 23.14
CA THR A 330 -22.63 -0.50 22.13
C THR A 330 -22.53 -2.00 22.40
N LEU A 331 -23.55 -2.75 21.99
CA LEU A 331 -23.48 -4.20 22.02
C LEU A 331 -22.88 -4.67 20.69
N ILE A 332 -21.80 -5.45 20.79
CA ILE A 332 -21.16 -6.02 19.60
C ILE A 332 -21.03 -7.52 19.79
N ASP A 333 -21.79 -8.29 19.01
CA ASP A 333 -21.76 -9.75 19.09
C ASP A 333 -21.91 -10.24 20.54
N GLY A 334 -22.82 -9.63 21.28
CA GLY A 334 -23.13 -10.06 22.64
C GLY A 334 -22.28 -9.44 23.73
N VAL A 335 -21.23 -8.72 23.33
CA VAL A 335 -20.33 -8.09 24.28
C VAL A 335 -20.59 -6.58 24.37
N ARG A 336 -20.84 -6.10 25.59
CA ARG A 336 -20.94 -4.67 25.85
C ARG A 336 -19.58 -4.07 25.65
N VAL A 337 -19.47 -3.10 24.74
CA VAL A 337 -18.22 -2.38 24.60
C VAL A 337 -18.47 -0.96 25.03
N PRO A 338 -17.66 -0.48 25.98
CA PRO A 338 -17.82 0.86 26.55
C PRO A 338 -17.65 1.93 25.47
N GLY A 339 -18.28 3.08 25.68
CA GLY A 339 -18.13 4.22 24.78
C GLY A 339 -16.70 4.70 24.86
N ASN A 340 -16.28 5.47 23.85
CA ASN A 340 -14.91 5.96 23.73
C ASN A 340 -13.81 4.90 23.57
N THR A 341 -14.13 3.85 22.81
CA THR A 341 -13.23 2.73 22.62
C THR A 341 -12.78 2.65 21.16
N PRO A 342 -11.47 2.60 20.90
CA PRO A 342 -10.96 2.30 19.56
C PRO A 342 -11.30 0.85 19.13
N LEU A 343 -12.02 0.71 18.02
CA LEU A 343 -12.20 -0.59 17.38
C LEU A 343 -11.15 -0.90 16.30
N LEU A 344 -10.52 -2.06 16.43
CA LEU A 344 -9.52 -2.52 15.48
C LEU A 344 -10.14 -3.54 14.52
N PHE A 345 -9.93 -3.34 13.23
CA PHE A 345 -10.41 -4.24 12.19
C PHE A 345 -9.19 -4.70 11.41
N SER A 346 -9.10 -6.01 11.22
CA SER A 346 -7.93 -6.62 10.62
C SER A 346 -8.31 -7.56 9.50
N THR A 347 -7.96 -7.19 8.27
CA THR A 347 -8.14 -8.11 7.12
C THR A 347 -7.09 -9.23 7.13
N TYR A 348 -5.90 -8.92 7.66
CA TYR A 348 -4.91 -9.96 7.95
C TYR A 348 -5.49 -11.09 8.82
N VAL A 349 -6.09 -10.71 9.93
CA VAL A 349 -6.63 -11.71 10.87
C VAL A 349 -7.76 -12.54 10.24
N MET A 350 -8.71 -11.86 9.62
CA MET A 350 -9.86 -12.55 9.07
C MET A 350 -9.44 -13.47 7.94
N GLY A 351 -8.47 -13.05 7.14
CA GLY A 351 -7.93 -13.86 6.06
C GLY A 351 -7.33 -15.17 6.49
N ARG A 352 -6.91 -15.26 7.75
CA ARG A 352 -6.26 -16.43 8.20
C ARG A 352 -7.12 -17.28 9.14
N MET A 353 -8.40 -16.92 9.28
CA MET A 353 -9.33 -17.64 10.14
C MET A 353 -10.11 -18.68 9.29
N ASP A 354 -10.03 -19.95 9.69
CA ASP A 354 -10.71 -21.03 8.96
C ASP A 354 -12.22 -20.95 8.97
N THR A 355 -12.77 -20.10 9.85
CA THR A 355 -14.22 -19.88 9.86
C THR A 355 -14.66 -19.06 8.65
N TYR A 356 -13.72 -18.33 8.04
CA TYR A 356 -14.03 -17.47 6.88
C TYR A 356 -13.43 -17.98 5.57
N PHE A 357 -12.29 -18.67 5.67
CA PHE A 357 -11.62 -19.18 4.49
C PHE A 357 -11.15 -20.61 4.71
N GLU A 358 -11.61 -21.52 3.86
CA GLU A 358 -11.20 -22.92 3.95
C GLU A 358 -9.69 -23.08 3.76
N ASP A 359 -9.06 -23.89 4.60
CA ASP A 359 -7.61 -24.14 4.48
C ASP A 359 -6.87 -22.78 4.28
N PRO A 360 -6.99 -21.89 5.27
CA PRO A 360 -6.64 -20.46 5.08
C PRO A 360 -5.18 -20.24 4.73
N LEU A 361 -4.29 -21.11 5.21
CA LEU A 361 -2.87 -20.98 4.95
C LEU A 361 -2.39 -21.41 3.54
N THR A 362 -3.28 -22.00 2.75
CA THR A 362 -3.01 -22.39 1.36
C THR A 362 -3.21 -21.22 0.41
N PHE A 363 -2.17 -20.90 -0.37
CA PHE A 363 -2.26 -19.86 -1.39
C PHE A 363 -3.05 -20.47 -2.56
N ASN A 364 -4.30 -20.07 -2.74
CA ASN A 364 -5.17 -20.63 -3.79
C ASN A 364 -6.01 -19.58 -4.56
N PRO A 365 -5.51 -19.11 -5.71
CA PRO A 365 -6.19 -18.03 -6.45
C PRO A 365 -7.60 -18.38 -6.99
N ASP A 366 -7.91 -19.68 -7.06
CA ASP A 366 -9.26 -20.14 -7.42
C ASP A 366 -10.33 -19.66 -6.45
N ARG A 367 -9.92 -19.26 -5.24
CA ARG A 367 -10.85 -18.62 -4.31
C ARG A 367 -11.52 -17.42 -4.92
N PHE A 368 -10.84 -16.79 -5.87
CA PHE A 368 -11.37 -15.56 -6.47
C PHE A 368 -11.84 -15.78 -7.91
N GLY A 369 -11.91 -17.05 -8.30
CA GLY A 369 -12.27 -17.46 -9.66
C GLY A 369 -13.69 -17.10 -10.05
N PRO A 370 -13.97 -17.10 -11.36
CA PRO A 370 -15.31 -16.74 -11.86
C PRO A 370 -16.28 -17.69 -11.18
N GLY A 371 -17.43 -17.19 -10.76
CA GLY A 371 -18.44 -18.05 -10.13
C GLY A 371 -18.38 -18.18 -8.60
N ALA A 372 -17.20 -17.96 -8.02
CA ALA A 372 -17.04 -18.02 -6.56
C ALA A 372 -17.73 -16.83 -5.90
N PRO A 373 -18.52 -17.09 -4.84
CA PRO A 373 -19.12 -15.98 -4.07
C PRO A 373 -18.00 -15.04 -3.59
N LYS A 374 -18.22 -13.73 -3.64
CA LYS A 374 -17.20 -12.78 -3.21
C LYS A 374 -17.18 -12.80 -1.69
N PRO A 375 -16.00 -12.75 -1.08
CA PRO A 375 -15.89 -12.83 0.39
C PRO A 375 -16.75 -11.70 0.91
N ARG A 376 -17.50 -11.94 1.97
CA ARG A 376 -18.45 -10.97 2.42
C ARG A 376 -17.98 -10.34 3.70
N PHE A 377 -17.34 -9.18 3.60
CA PHE A 377 -16.81 -8.44 4.77
C PHE A 377 -15.76 -9.20 5.59
N THR A 378 -15.08 -10.14 4.92
CA THR A 378 -14.03 -10.96 5.54
C THR A 378 -12.68 -10.69 4.88
N TYR A 379 -12.64 -9.69 3.99
CA TYR A 379 -11.48 -9.45 3.16
C TYR A 379 -11.53 -7.99 2.76
N PHE A 380 -10.55 -7.21 3.21
CA PHE A 380 -10.58 -5.79 2.89
C PHE A 380 -9.23 -5.15 2.81
N PRO A 381 -8.41 -5.56 1.84
CA PRO A 381 -7.06 -5.05 1.73
C PRO A 381 -6.95 -3.55 1.40
N PHE A 382 -8.03 -2.93 0.93
CA PHE A 382 -8.05 -1.49 0.66
C PHE A 382 -9.04 -0.84 1.60
N SER A 383 -9.41 -1.59 2.66
CA SER A 383 -10.44 -1.16 3.59
C SER A 383 -11.79 -1.07 2.87
N LEU A 384 -12.78 -0.47 3.52
CA LEU A 384 -14.15 -0.42 2.99
C LEU A 384 -14.79 0.89 3.42
N GLY A 385 -15.88 1.28 2.74
CA GLY A 385 -16.62 2.49 3.08
C GLY A 385 -15.90 3.77 2.75
N HIS A 386 -16.25 4.85 3.47
CA HIS A 386 -15.79 6.19 3.09
C HIS A 386 -14.30 6.39 3.27
N ARG A 387 -13.70 5.67 4.22
CA ARG A 387 -12.27 5.73 4.43
C ARG A 387 -11.46 4.69 3.63
N SER A 388 -12.10 3.98 2.69
CA SER A 388 -11.38 3.07 1.81
C SER A 388 -10.26 3.77 1.02
N CYS A 389 -9.34 2.97 0.48
CA CYS A 389 -8.15 3.48 -0.20
C CYS A 389 -8.53 4.27 -1.43
N ILE A 390 -8.16 5.54 -1.47
CA ILE A 390 -8.43 6.37 -2.67
C ILE A 390 -7.66 5.87 -3.89
N GLY A 391 -6.55 5.19 -3.64
CA GLY A 391 -5.67 4.71 -4.69
C GLY A 391 -5.91 3.28 -5.12
N GLN A 392 -7.01 2.67 -4.67
CA GLN A 392 -7.26 1.27 -5.03
C GLN A 392 -7.05 0.98 -6.52
N GLN A 393 -7.81 1.66 -7.38
CA GLN A 393 -7.75 1.37 -8.83
C GLN A 393 -6.36 1.72 -9.40
N PHE A 394 -5.85 2.87 -9.02
CA PHE A 394 -4.49 3.27 -9.37
C PHE A 394 -3.54 2.10 -9.04
N ALA A 395 -3.62 1.57 -7.83
CA ALA A 395 -2.73 0.49 -7.36
C ALA A 395 -2.94 -0.78 -8.15
N GLN A 396 -4.20 -1.21 -8.25
CA GLN A 396 -4.51 -2.42 -8.99
C GLN A 396 -4.00 -2.33 -10.42
N MET A 397 -4.02 -1.13 -10.99
CA MET A 397 -3.56 -0.95 -12.37
C MET A 397 -2.03 -1.06 -12.46
N GLU A 398 -1.32 -0.30 -11.63
CA GLU A 398 0.15 -0.31 -11.69
C GLU A 398 0.72 -1.70 -11.42
N VAL A 399 0.14 -2.41 -10.47
CA VAL A 399 0.69 -3.72 -10.14
C VAL A 399 0.42 -4.80 -11.21
N LYS A 400 -0.74 -4.74 -11.85
CA LYS A 400 -1.03 -5.59 -13.01
C LYS A 400 -0.04 -5.29 -14.14
N VAL A 401 0.23 -4.01 -14.41
CA VAL A 401 1.21 -3.63 -15.44
C VAL A 401 2.59 -4.19 -15.11
N VAL A 402 3.04 -3.95 -13.89
CA VAL A 402 4.36 -4.48 -13.47
C VAL A 402 4.42 -5.98 -13.51
N MET A 403 3.46 -6.66 -12.88
CA MET A 403 3.49 -8.16 -12.88
C MET A 403 3.36 -8.74 -14.31
N ALA A 404 2.50 -8.14 -15.12
CA ALA A 404 2.33 -8.61 -16.51
C ALA A 404 3.69 -8.64 -17.23
N LYS A 405 4.43 -7.54 -17.12
CA LYS A 405 5.75 -7.44 -17.80
C LYS A 405 6.79 -8.38 -17.24
N LEU A 406 6.79 -8.56 -15.91
CA LEU A 406 7.67 -9.57 -15.29
C LEU A 406 7.38 -10.96 -15.82
N LEU A 407 6.10 -11.29 -15.90
CA LEU A 407 5.67 -12.63 -16.27
C LEU A 407 5.96 -12.93 -17.73
N GLN A 408 5.86 -11.91 -18.58
CA GLN A 408 6.16 -12.02 -20.00
C GLN A 408 7.61 -12.36 -20.28
N ARG A 409 8.53 -11.72 -19.56
CA ARG A 409 9.94 -11.71 -19.95
C ARG A 409 10.89 -12.45 -19.03
N LEU A 410 10.51 -12.62 -17.76
CA LEU A 410 11.45 -13.13 -16.77
C LEU A 410 10.97 -14.29 -15.91
N GLU A 411 11.90 -15.13 -15.48
CA GLU A 411 11.64 -16.16 -14.47
C GLU A 411 12.56 -15.91 -13.28
N PHE A 412 12.05 -16.23 -12.08
CA PHE A 412 12.69 -15.85 -10.83
C PHE A 412 12.91 -17.07 -9.96
N ARG A 413 14.01 -17.08 -9.22
CA ARG A 413 14.27 -18.17 -8.31
C ARG A 413 14.82 -17.54 -7.07
N LEU A 414 14.21 -17.86 -5.93
CA LEU A 414 14.59 -17.26 -4.67
C LEU A 414 15.97 -17.80 -4.29
N VAL A 415 16.86 -16.91 -3.85
CA VAL A 415 18.19 -17.31 -3.40
C VAL A 415 18.02 -18.22 -2.18
N PRO A 416 18.52 -19.45 -2.26
CA PRO A 416 18.48 -20.37 -1.13
C PRO A 416 18.87 -19.64 0.15
N GLY A 417 18.13 -19.85 1.22
CA GLY A 417 18.37 -19.13 2.47
C GLY A 417 17.43 -17.96 2.70
N GLN A 418 16.66 -17.61 1.67
CA GLN A 418 15.64 -16.57 1.82
C GLN A 418 14.37 -17.13 2.46
N ARG A 419 13.93 -16.46 3.52
CA ARG A 419 12.74 -16.88 4.25
C ARG A 419 11.46 -16.26 3.70
N PHE A 420 10.32 -16.88 4.01
CA PHE A 420 9.02 -16.44 3.53
C PHE A 420 8.21 -15.59 4.51
N GLY A 421 8.81 -15.25 5.64
CA GLY A 421 8.09 -14.57 6.71
C GLY A 421 7.83 -13.09 6.54
N LEU A 422 7.20 -12.50 7.54
CA LEU A 422 6.77 -11.11 7.49
C LEU A 422 7.48 -10.26 8.53
N GLN A 423 7.42 -8.95 8.34
CA GLN A 423 7.83 -8.00 9.35
C GLN A 423 6.86 -6.84 9.33
N GLU A 424 6.81 -6.08 10.42
CA GLU A 424 5.98 -4.89 10.48
C GLU A 424 6.85 -3.66 10.66
N GLN A 425 6.83 -2.79 9.65
CA GLN A 425 7.39 -1.46 9.77
C GLN A 425 6.19 -0.54 10.01
N ALA A 426 5.99 0.38 9.09
CA ALA A 426 4.75 1.13 9.03
C ALA A 426 3.66 0.34 8.28
N THR A 427 4.06 -0.73 7.59
CA THR A 427 3.14 -1.66 6.93
C THR A 427 3.71 -3.08 7.08
N LEU A 428 2.96 -4.10 6.64
CA LEU A 428 3.52 -5.44 6.55
C LEU A 428 4.29 -5.53 5.24
N LYS A 429 5.42 -6.24 5.26
CA LYS A 429 6.28 -6.45 4.10
C LYS A 429 7.10 -7.71 4.38
N PRO A 430 7.72 -8.29 3.35
CA PRO A 430 8.51 -9.51 3.57
C PRO A 430 9.63 -9.27 4.57
N LEU A 431 9.90 -10.27 5.40
CA LEU A 431 11.00 -10.23 6.37
C LEU A 431 12.35 -10.13 5.62
N ASP A 432 12.52 -10.99 4.62
CA ASP A 432 13.76 -11.04 3.83
C ASP A 432 13.59 -10.18 2.56
N PRO A 433 14.69 -9.64 2.04
CA PRO A 433 14.63 -8.70 0.90
C PRO A 433 14.18 -9.32 -0.44
N VAL A 434 13.71 -10.56 -0.41
CA VAL A 434 13.30 -11.30 -1.62
C VAL A 434 14.45 -11.38 -2.66
N LEU A 435 15.57 -11.95 -2.25
CA LEU A 435 16.73 -12.07 -3.10
C LEU A 435 16.48 -13.17 -4.10
N CYS A 436 16.55 -12.82 -5.38
CA CYS A 436 16.32 -13.77 -6.45
C CYS A 436 17.47 -13.78 -7.42
N THR A 437 17.67 -14.88 -8.12
CA THR A 437 18.43 -14.85 -9.36
C THR A 437 17.41 -14.90 -10.50
N LEU A 438 17.79 -14.34 -11.64
CA LEU A 438 16.88 -14.18 -12.74
C LEU A 438 17.36 -14.91 -13.98
N ARG A 439 16.40 -15.34 -14.79
CA ARG A 439 16.69 -15.96 -16.06
C ARG A 439 15.65 -15.36 -17.03
N PRO A 440 15.95 -15.32 -18.33
CA PRO A 440 14.94 -14.91 -19.31
C PRO A 440 13.90 -16.03 -19.46
N ARG A 441 12.68 -15.68 -19.84
CA ARG A 441 11.63 -16.68 -19.98
C ARG A 441 11.86 -17.49 -21.24
CHA HEM B . -5.58 4.52 2.55
CHB HEM B . -4.22 -0.04 1.27
CHC HEM B . -2.06 1.75 -2.72
CHD HEM B . -3.38 6.31 -1.24
C1A HEM B . -5.49 3.01 2.46
C2A HEM B . -6.27 2.04 3.32
C3A HEM B . -5.71 0.85 3.08
C4A HEM B . -4.88 0.96 1.85
CMA HEM B . -6.04 -0.44 3.77
CAA HEM B . -6.97 2.47 4.60
CBA HEM B . -5.99 3.05 5.64
CGA HEM B . -6.67 3.32 6.98
O1A HEM B . -6.02 3.83 7.87
O2A HEM B . -7.94 3.03 7.25
C1B HEM B . -3.59 0.08 -0.07
C2B HEM B . -3.08 -1.00 -0.72
C3B HEM B . -2.35 -0.47 -1.88
C4B HEM B . -2.44 0.98 -1.71
CMB HEM B . -2.88 -2.39 -0.13
CAB HEM B . -1.51 -1.08 -2.74
CBB HEM B . -1.79 -2.40 -3.35
C1C HEM B . -2.35 3.20 -2.75
C2C HEM B . -1.85 4.04 -3.66
C3C HEM B . -2.42 5.34 -3.29
C4C HEM B . -2.84 5.17 -2.04
CMC HEM B . -1.23 3.67 -4.98
CAC HEM B . -2.15 6.67 -3.96
CBC HEM B . -1.87 6.81 -5.25
C1D HEM B . -4.15 6.13 -0.16
C2D HEM B . -4.66 7.27 0.65
C3D HEM B . -5.42 6.74 1.61
C4D HEM B . -5.32 5.27 1.47
CMD HEM B . -4.36 8.73 0.42
CAD HEM B . -6.35 7.49 2.56
CBD HEM B . -7.77 7.43 1.99
CGD HEM B . -8.79 8.27 2.74
O1D HEM B . -9.53 9.01 2.11
O2D HEM B . -8.92 8.20 4.07
NA HEM B . -4.78 2.24 1.49
NB HEM B . -3.31 1.26 -0.68
NC HEM B . -2.82 3.88 -1.68
ND HEM B . -4.36 5.00 0.55
FE HEM B . -4.00 3.15 -0.16
F1 0U9 C . 0.89 5.12 4.34
C2 0U9 C . 1.06 3.82 4.69
F3 0U9 C . 2.38 3.60 4.91
F4 0U9 C . 0.68 3.00 3.68
C5 0U9 C . 0.18 3.60 5.92
C6 0U9 C . 0.81 3.28 7.12
C7 0U9 C . -1.22 3.72 5.84
C8 0U9 C . -1.97 4.06 4.66
N9 0U9 C . -2.59 4.31 3.72
C10 0U9 C . -1.98 3.52 6.99
C11 0U9 C . -1.32 3.20 8.18
C12 0U9 C . 0.07 3.06 8.29
N13 0U9 C . 0.75 2.75 9.41
C14 0U9 C . 0.47 2.88 10.66
O15 0U9 C . -0.62 3.59 10.97
C16 0U9 C . 1.38 2.26 11.73
O17 0U9 C . 2.49 1.63 11.09
C18 0U9 C . 2.04 3.37 12.56
C19 0U9 C . 0.91 1.17 12.69
S20 0U9 C . -0.68 0.59 12.88
O21 0U9 C . -1.53 1.34 14.14
O22 0U9 C . -0.44 -1.03 13.34
C23 0U9 C . -1.64 0.63 11.46
C24 0U9 C . -1.28 -0.05 10.29
C25 0U9 C . -2.80 1.41 11.47
C26 0U9 C . -3.62 1.49 10.33
C27 0U9 C . -3.26 0.78 9.18
F28 0U9 C . -4.03 0.86 8.10
C29 0U9 C . -2.10 0.02 9.16
C16 198 D . -1.31 0.00 10.23
C17 198 D . -2.12 0.12 9.09
C18 198 D . -3.24 0.93 9.11
F18 198 D . -4.02 1.06 8.03
C19 198 D . -3.56 1.64 10.27
C20 198 D . -2.77 1.51 11.40
C15 198 D . -1.64 0.69 11.39
S14 198 D . -0.69 0.58 12.81
O14 198 D . -1.56 1.29 14.09
O15 198 D . -0.49 -1.05 13.22
C13 198 D . 0.88 1.20 12.67
C11 198 D . 1.26 2.41 11.81
O11 198 D . 1.38 3.54 12.66
C12 198 D . 2.71 2.13 11.43
C10 198 D . 0.41 2.84 10.64
O10 198 D . -0.76 3.41 10.92
N9 198 D . 0.68 2.75 9.39
C1 198 D . -0.01 3.08 8.29
C2 198 D . 0.73 3.32 7.12
C6 198 D . -1.39 3.20 8.20
C5 198 D . -2.02 3.55 7.02
C4 198 D . -1.28 3.79 5.87
C8 198 D . -1.99 4.14 4.68
N8 198 D . -2.58 4.39 3.71
C3 198 D . 0.12 3.67 5.93
C7 198 D . 0.99 3.91 4.72
F7B 198 D . 2.29 3.64 5.00
F7C 198 D . 0.60 3.11 3.69
F7A 198 D . 0.87 5.22 4.39
C1 GOL E . -21.04 12.70 10.03
O1 GOL E . -20.16 12.23 11.02
C2 GOL E . -21.65 11.51 9.34
O2 GOL E . -22.45 10.81 10.27
C3 GOL E . -22.49 11.97 8.15
O3 GOL E . -23.77 11.38 8.23
#